data_1YQL
#
_entry.id   1YQL
#
_cell.length_a   92.322
_cell.length_b   92.322
_cell.length_c   210.744
_cell.angle_alpha   90.00
_cell.angle_beta   90.00
_cell.angle_gamma   120.00
#
_symmetry.space_group_name_H-M   'P 65 2 2'
#
loop_
_entity.id
_entity.type
_entity.pdbx_description
1 polymer "5'-D(P*GP*GP*TP*AP*GP*AP*CP*CP*TP*GP*GP*AP*C)-3'"
2 polymer "5'-D(P*GP*TP*CP*CP*AP*(PPW)P*GP*TP*CP*TP*AP*C)-3'"
3 polymer 'N-glycosylase/DNA lyase'
4 non-polymer 'CALCIUM ION'
5 water water
#
loop_
_entity_poly.entity_id
_entity_poly.type
_entity_poly.pdbx_seq_one_letter_code
_entity_poly.pdbx_strand_id
1 'polydeoxyribonucleotide' (DG)(DG)(DT)(DA)(DG)(DA)(DC)(DC)(DT)(DG)(DG)(DA)(DC) B
2 'polydeoxyribonucleotide' (DG)(DT)(DC)(DC)(DA)(PPW)(DG)(DT)(DC)(DT)(DA)(DC) C
3 'polypeptide(L)'
;SEFGHRTLASTPALWASIPCPRSELRLDLVLPSGQSFRWREQSPAHWSGVLADQVWTLTQTEEQLHCTVYRGDKSQASRP
TPDELEAVRKYFQLDVTLAQLYHHWGSVDSHFQEVAQKFQGVRLLRQDPIECLFSFICSSCNNIARITGMVERLCQAFGP
RLIQLDDVTYHGFPSLQALAGPEVEAHLRKLGLGYRARYVSASARAILEEQGGLAWLQQLRESSYEEAHKALCILPGVGT
QVADCICLMALDKPQAVPVDVHMWHIAQRDYSWHPTTSQAKGPSPQTNKELGNFFRSLWGPYAGWAQAVLFSADLRQSR
;
A
#
loop_
_chem_comp.id
_chem_comp.type
_chem_comp.name
_chem_comp.formula
CA non-polymer 'CALCIUM ION' 'Ca 2'
DA DNA linking 2'-DEOXYADENOSINE-5'-MONOPHOSPHATE 'C10 H14 N5 O6 P'
DC DNA linking 2'-DEOXYCYTIDINE-5'-MONOPHOSPHATE 'C9 H14 N3 O7 P'
DG DNA linking 2'-DEOXYGUANOSINE-5'-MONOPHOSPHATE 'C10 H14 N5 O7 P'
DT DNA linking THYMIDINE-5'-MONOPHOSPHATE 'C10 H15 N2 O8 P'
PPW DNA linking 7-DEAZA-8-AZA-2'-DEOXYGUANOSINE-5'-MONOPHOSPHATE 'C10 H14 N5 O7 P'
#
# COMPACT_ATOMS: atom_id res chain seq x y z
P PPW B 6 -0.86 13.52 -0.18
OP1 PPW B 6 -0.10 12.67 -1.11
OP2 PPW B 6 -2.05 14.26 -0.69
O5' PPW B 6 -1.34 12.65 1.05
N9 PPW B 6 -2.18 8.70 3.29
C4 PPW B 6 -3.39 8.04 3.31
N3 PPW B 6 -4.46 8.39 4.06
C2 PPW B 6 -5.47 7.58 3.86
N2 PPW B 6 -6.62 7.78 4.52
N1 PPW B 6 -5.44 6.50 3.00
C6 PPW B 6 -4.35 6.12 2.23
O6 PPW B 6 -4.42 5.13 1.49
C5 PPW B 6 -3.25 6.99 2.43
N8 PPW B 6 -1.37 8.02 2.41
C7 PPW B 6 -1.96 6.99 1.86
C2' PPW B 6 -0.40 10.03 4.44
C5' PPW B 6 -0.42 12.23 2.05
C4' PPW B 6 -1.13 12.02 3.36
O4' PPW B 6 -2.15 11.01 3.21
C1' PPW B 6 -1.86 9.90 4.05
C3' PPW B 6 -0.23 11.54 4.50
O3' PPW B 6 -0.75 12.05 5.73
N SER C 1 13.36 -7.26 -27.76
CA SER C 1 14.78 -7.17 -27.33
C SER C 1 15.02 -7.83 -25.96
N GLU C 2 16.20 -8.41 -25.81
CA GLU C 2 16.57 -9.10 -24.59
C GLU C 2 16.89 -8.19 -23.42
N PHE C 3 17.02 -6.89 -23.66
CA PHE C 3 17.34 -5.95 -22.59
C PHE C 3 16.30 -4.87 -22.32
N GLY C 4 16.41 -4.24 -21.15
CA GLY C 4 15.49 -3.20 -20.77
C GLY C 4 14.21 -3.78 -20.21
N HIS C 5 13.25 -2.93 -19.90
CA HIS C 5 11.98 -3.41 -19.38
C HIS C 5 11.18 -3.95 -20.56
N ARG C 6 10.53 -5.09 -20.35
CA ARG C 6 9.72 -5.73 -21.38
C ARG C 6 8.39 -5.05 -21.60
N THR C 7 7.65 -5.52 -22.58
CA THR C 7 6.32 -5.01 -22.90
C THR C 7 5.59 -6.17 -23.55
N LEU C 8 4.26 -6.15 -23.53
CA LEU C 8 3.48 -7.25 -24.09
C LEU C 8 3.84 -7.50 -25.56
N ALA C 9 4.00 -6.41 -26.30
CA ALA C 9 4.35 -6.48 -27.72
C ALA C 9 5.77 -7.04 -27.88
N SER C 10 6.73 -6.31 -27.33
CA SER C 10 8.15 -6.66 -27.39
C SER C 10 8.50 -8.15 -27.24
N THR C 11 8.24 -8.72 -26.07
CA THR C 11 8.59 -10.11 -25.83
C THR C 11 7.41 -11.04 -25.55
N PRO C 12 6.52 -11.21 -26.55
CA PRO C 12 5.32 -12.04 -26.52
C PRO C 12 5.33 -13.31 -25.68
N ALA C 13 6.31 -14.17 -25.90
CA ALA C 13 6.39 -15.44 -25.18
C ALA C 13 6.84 -15.38 -23.73
N LEU C 14 7.16 -14.19 -23.23
CA LEU C 14 7.61 -14.06 -21.85
C LEU C 14 6.52 -13.68 -20.85
N TRP C 15 5.29 -13.57 -21.33
CA TRP C 15 4.17 -13.19 -20.45
C TRP C 15 3.14 -14.31 -20.22
N ALA C 16 2.37 -14.15 -19.15
CA ALA C 16 1.33 -15.10 -18.80
C ALA C 16 0.20 -14.29 -18.22
N SER C 17 -1.03 -14.70 -18.53
CA SER C 17 -2.18 -13.98 -18.05
C SER C 17 -2.80 -14.51 -16.78
N ILE C 18 -3.56 -13.63 -16.15
CA ILE C 18 -4.32 -13.93 -14.96
C ILE C 18 -5.67 -13.33 -15.34
N PRO C 19 -6.70 -14.17 -15.46
CA PRO C 19 -8.00 -13.62 -15.82
C PRO C 19 -8.37 -12.50 -14.84
N CYS C 20 -8.69 -11.33 -15.38
CA CYS C 20 -9.06 -10.22 -14.54
C CYS C 20 -9.59 -9.04 -15.35
N PRO C 21 -10.90 -8.79 -15.29
CA PRO C 21 -11.50 -7.68 -16.03
C PRO C 21 -11.14 -6.38 -15.35
N ARG C 22 -11.01 -5.31 -16.14
CA ARG C 22 -10.66 -3.99 -15.60
C ARG C 22 -11.58 -3.58 -14.46
N SER C 23 -12.80 -4.11 -14.44
CA SER C 23 -13.74 -3.77 -13.39
C SER C 23 -13.33 -4.32 -12.02
N GLU C 24 -12.43 -5.31 -12.01
CA GLU C 24 -11.96 -5.89 -10.75
C GLU C 24 -10.61 -5.35 -10.31
N LEU C 25 -9.94 -4.61 -11.19
CA LEU C 25 -8.63 -4.05 -10.90
C LEU C 25 -8.13 -3.07 -11.96
N ARG C 26 -7.59 -1.94 -11.51
CA ARG C 26 -7.01 -0.97 -12.42
C ARG C 26 -5.68 -0.47 -11.87
N LEU C 27 -4.61 -1.00 -12.45
CA LEU C 27 -3.25 -0.68 -12.04
C LEU C 27 -3.01 0.81 -11.86
N ASP C 28 -3.37 1.59 -12.87
CA ASP C 28 -3.17 3.03 -12.84
C ASP C 28 -3.94 3.74 -11.71
N LEU C 29 -4.89 3.05 -11.10
CA LEU C 29 -5.67 3.64 -10.01
C LEU C 29 -5.29 3.06 -8.65
N VAL C 30 -4.46 2.04 -8.65
CA VAL C 30 -4.03 1.39 -7.42
C VAL C 30 -2.55 1.56 -7.10
N LEU C 31 -1.71 1.18 -8.05
CA LEU C 31 -0.26 1.22 -7.87
C LEU C 31 0.38 2.56 -7.55
N PRO C 32 -0.16 3.68 -8.06
CA PRO C 32 0.43 4.98 -7.77
C PRO C 32 -0.43 5.80 -6.81
N SER C 33 -1.36 5.13 -6.14
CA SER C 33 -2.31 5.78 -5.22
C SER C 33 -1.96 5.90 -3.74
N GLY C 34 -0.71 5.64 -3.38
CA GLY C 34 -0.34 5.76 -1.98
C GLY C 34 -0.47 4.54 -1.11
N GLN C 35 -0.66 3.36 -1.72
CA GLN C 35 -0.72 2.11 -0.95
C GLN C 35 0.73 1.62 -0.92
N SER C 36 1.26 1.25 -2.08
CA SER C 36 2.65 0.83 -2.21
C SER C 36 3.33 1.98 -2.94
N PHE C 37 4.55 2.31 -2.54
CA PHE C 37 5.27 3.42 -3.18
C PHE C 37 6.40 2.87 -4.04
N ARG C 38 6.35 1.58 -4.32
CA ARG C 38 7.41 0.93 -5.06
C ARG C 38 7.13 0.47 -6.50
N TRP C 39 6.08 1.00 -7.12
CA TRP C 39 5.77 0.63 -8.51
C TRP C 39 5.95 1.84 -9.44
N ARG C 40 6.51 1.60 -10.62
CA ARG C 40 6.72 2.68 -11.59
C ARG C 40 6.22 2.26 -12.96
N GLU C 41 5.67 3.20 -13.70
CA GLU C 41 5.17 2.93 -15.04
C GLU C 41 6.31 3.21 -16.01
N GLN C 42 7.25 2.28 -16.14
CA GLN C 42 8.39 2.50 -17.03
C GLN C 42 7.93 2.84 -18.44
N SER C 43 7.20 1.93 -19.08
CA SER C 43 6.67 2.21 -20.40
C SER C 43 5.16 2.39 -20.17
N PRO C 44 4.47 3.13 -21.06
CA PRO C 44 3.03 3.32 -20.86
C PRO C 44 2.24 2.05 -20.58
N ALA C 45 1.35 2.15 -19.59
CA ALA C 45 0.49 1.04 -19.17
C ALA C 45 1.26 -0.19 -18.66
N HIS C 46 2.55 -0.02 -18.41
CA HIS C 46 3.36 -1.11 -17.88
C HIS C 46 3.95 -0.72 -16.54
N TRP C 47 3.65 -1.48 -15.51
CA TRP C 47 4.17 -1.16 -14.19
C TRP C 47 5.19 -2.18 -13.74
N SER C 48 6.35 -1.70 -13.33
CA SER C 48 7.43 -2.57 -12.86
C SER C 48 7.78 -2.28 -11.40
N GLY C 49 7.93 -3.35 -10.63
CA GLY C 49 8.28 -3.21 -9.23
C GLY C 49 8.67 -4.54 -8.63
N VAL C 50 8.96 -4.55 -7.33
CA VAL C 50 9.34 -5.78 -6.66
C VAL C 50 8.09 -6.37 -6.05
N LEU C 51 7.89 -7.67 -6.28
CA LEU C 51 6.73 -8.39 -5.77
C LEU C 51 7.23 -9.77 -5.39
N ALA C 52 6.99 -10.14 -4.14
CA ALA C 52 7.44 -11.44 -3.65
C ALA C 52 8.94 -11.68 -3.98
N ASP C 53 9.79 -10.75 -3.53
CA ASP C 53 11.24 -10.85 -3.71
C ASP C 53 11.79 -10.95 -5.15
N GLN C 54 10.95 -10.65 -6.13
CA GLN C 54 11.38 -10.68 -7.53
C GLN C 54 10.87 -9.42 -8.22
N VAL C 55 11.42 -9.12 -9.39
CA VAL C 55 11.00 -7.97 -10.16
C VAL C 55 9.99 -8.39 -11.22
N TRP C 56 8.88 -7.67 -11.28
CA TRP C 56 7.82 -7.94 -12.24
C TRP C 56 7.41 -6.71 -13.03
N THR C 57 6.72 -6.95 -14.14
CA THR C 57 6.17 -5.88 -14.94
C THR C 57 4.74 -6.35 -15.16
N LEU C 58 3.80 -5.43 -15.06
CA LEU C 58 2.40 -5.75 -15.22
C LEU C 58 1.76 -4.76 -16.15
N THR C 59 0.81 -5.24 -16.94
CA THR C 59 0.08 -4.42 -17.88
C THR C 59 -1.21 -5.19 -18.13
N GLN C 60 -2.34 -4.49 -18.22
CA GLN C 60 -3.58 -5.19 -18.42
C GLN C 60 -4.32 -4.85 -19.71
N THR C 61 -5.09 -5.81 -20.19
CA THR C 61 -5.93 -5.65 -21.37
C THR C 61 -7.34 -5.64 -20.77
N GLU C 62 -8.39 -5.62 -21.59
CA GLU C 62 -9.74 -5.55 -21.04
C GLU C 62 -10.16 -6.69 -20.12
N GLU C 63 -9.68 -7.90 -20.37
CA GLU C 63 -10.08 -9.02 -19.52
C GLU C 63 -8.91 -9.75 -18.85
N GLN C 64 -7.69 -9.43 -19.25
CA GLN C 64 -6.54 -10.10 -18.66
C GLN C 64 -5.54 -9.17 -17.97
N LEU C 65 -4.84 -9.72 -16.99
CA LEU C 65 -3.78 -9.00 -16.29
C LEU C 65 -2.54 -9.74 -16.77
N HIS C 66 -1.75 -9.10 -17.62
CA HIS C 66 -0.54 -9.73 -18.15
C HIS C 66 0.66 -9.50 -17.24
N CYS C 67 1.33 -10.60 -16.91
CA CYS C 67 2.47 -10.53 -16.01
C CYS C 67 3.75 -11.11 -16.62
N THR C 68 4.88 -10.52 -16.26
CA THR C 68 6.18 -10.99 -16.72
C THR C 68 7.12 -10.81 -15.53
N VAL C 69 8.02 -11.76 -15.33
CA VAL C 69 8.92 -11.69 -14.19
C VAL C 69 10.39 -11.82 -14.58
N TYR C 70 11.25 -11.07 -13.90
CA TYR C 70 12.69 -11.13 -14.17
C TYR C 70 13.37 -11.78 -12.99
N ARG C 71 13.94 -12.95 -13.20
CA ARG C 71 14.61 -13.66 -12.12
C ARG C 71 16.10 -13.30 -12.01
N SER C 75 19.40 -17.99 -14.81
CA SER C 75 18.52 -18.93 -15.55
C SER C 75 17.91 -18.30 -16.80
N GLN C 76 17.52 -19.13 -17.75
CA GLN C 76 16.94 -18.63 -19.00
C GLN C 76 15.63 -17.89 -18.77
N ALA C 77 15.41 -16.83 -19.55
CA ALA C 77 14.18 -16.07 -19.43
C ALA C 77 13.01 -16.99 -19.80
N SER C 78 11.86 -16.78 -19.19
CA SER C 78 10.69 -17.60 -19.46
C SER C 78 9.45 -17.03 -18.78
N ARG C 79 8.28 -17.43 -19.27
CA ARG C 79 7.02 -16.98 -18.73
C ARG C 79 6.97 -17.30 -17.24
N PRO C 80 6.11 -16.61 -16.49
CA PRO C 80 6.00 -16.89 -15.05
C PRO C 80 5.33 -18.25 -14.81
N THR C 81 5.75 -18.95 -13.76
CA THR C 81 5.15 -20.23 -13.42
C THR C 81 3.82 -20.02 -12.72
N PRO C 82 2.99 -21.06 -12.64
CA PRO C 82 1.68 -20.93 -11.98
C PRO C 82 1.82 -20.45 -10.54
N ASP C 83 2.84 -20.95 -9.82
CA ASP C 83 3.06 -20.56 -8.43
C ASP C 83 3.43 -19.08 -8.32
N GLU C 84 4.30 -18.63 -9.23
CA GLU C 84 4.72 -17.23 -9.25
C GLU C 84 3.50 -16.36 -9.48
N LEU C 85 2.70 -16.73 -10.47
CA LEU C 85 1.47 -16.02 -10.80
C LEU C 85 0.51 -16.03 -9.62
N GLU C 86 0.53 -17.12 -8.86
CA GLU C 86 -0.32 -17.27 -7.69
C GLU C 86 0.03 -16.17 -6.70
N ALA C 87 1.33 -15.92 -6.54
CA ALA C 87 1.79 -14.88 -5.63
C ALA C 87 1.24 -13.54 -6.09
N VAL C 88 1.14 -13.36 -7.41
CA VAL C 88 0.62 -12.12 -7.94
C VAL C 88 -0.87 -12.01 -7.60
N ARG C 89 -1.62 -13.08 -7.84
CA ARG C 89 -3.05 -13.08 -7.51
C ARG C 89 -3.23 -12.77 -6.04
N LYS C 90 -2.31 -13.26 -5.22
CA LYS C 90 -2.35 -13.05 -3.78
C LYS C 90 -2.12 -11.59 -3.43
N TYR C 91 -1.12 -10.99 -4.06
CA TYR C 91 -0.77 -9.60 -3.80
C TYR C 91 -1.94 -8.65 -4.08
N PHE C 92 -2.76 -8.98 -5.08
CA PHE C 92 -3.91 -8.13 -5.39
C PHE C 92 -5.19 -8.65 -4.77
N GLN C 93 -5.09 -9.70 -3.96
CA GLN C 93 -6.25 -10.31 -3.29
C GLN C 93 -7.41 -10.46 -4.26
N LEU C 94 -7.11 -10.95 -5.45
CA LEU C 94 -8.14 -11.11 -6.47
C LEU C 94 -9.32 -11.96 -6.04
N ASP C 95 -9.18 -12.71 -4.94
CA ASP C 95 -10.28 -13.52 -4.45
C ASP C 95 -11.36 -12.67 -3.81
N VAL C 96 -11.04 -11.41 -3.50
CA VAL C 96 -12.03 -10.51 -2.95
C VAL C 96 -12.66 -9.92 -4.20
N THR C 97 -13.95 -10.15 -4.38
CA THR C 97 -14.67 -9.66 -5.56
C THR C 97 -15.06 -8.20 -5.46
N LEU C 98 -14.38 -7.34 -6.22
CA LEU C 98 -14.64 -5.91 -6.18
C LEU C 98 -16.08 -5.55 -6.56
N ALA C 99 -16.66 -6.34 -7.46
CA ALA C 99 -18.04 -6.09 -7.90
C ALA C 99 -19.02 -6.25 -6.72
N GLN C 100 -18.79 -7.26 -5.88
CA GLN C 100 -19.65 -7.50 -4.73
C GLN C 100 -19.52 -6.36 -3.71
N LEU C 101 -18.29 -5.90 -3.48
CA LEU C 101 -18.06 -4.83 -2.53
C LEU C 101 -18.65 -3.50 -3.01
N TYR C 102 -18.41 -3.19 -4.28
CA TYR C 102 -18.93 -1.95 -4.85
C TYR C 102 -20.45 -1.94 -4.79
N HIS C 103 -21.06 -3.10 -5.06
CA HIS C 103 -22.50 -3.22 -5.03
C HIS C 103 -23.03 -2.85 -3.65
N HIS C 104 -22.51 -3.52 -2.64
CA HIS C 104 -22.94 -3.29 -1.28
C HIS C 104 -22.72 -1.83 -0.88
N TRP C 105 -21.50 -1.34 -1.04
CA TRP C 105 -21.22 0.04 -0.67
C TRP C 105 -22.21 0.95 -1.39
N GLY C 106 -22.41 0.70 -2.69
CA GLY C 106 -23.33 1.52 -3.45
C GLY C 106 -24.74 1.55 -2.92
N SER C 107 -25.26 0.41 -2.49
CA SER C 107 -26.62 0.35 -1.98
C SER C 107 -26.80 1.00 -0.61
N VAL C 108 -25.70 1.17 0.11
CA VAL C 108 -25.75 1.75 1.45
C VAL C 108 -25.33 3.22 1.46
N ASP C 109 -24.65 3.64 0.41
CA ASP C 109 -24.16 5.01 0.34
C ASP C 109 -24.39 5.57 -1.06
N SER C 110 -25.44 6.36 -1.17
CA SER C 110 -25.83 6.98 -2.43
C SER C 110 -24.66 7.74 -3.04
N HIS C 111 -23.81 8.33 -2.20
CA HIS C 111 -22.67 9.08 -2.69
C HIS C 111 -21.59 8.15 -3.23
N PHE C 112 -21.38 7.02 -2.57
CA PHE C 112 -20.37 6.08 -3.05
C PHE C 112 -20.81 5.63 -4.43
N GLN C 113 -22.11 5.42 -4.59
CA GLN C 113 -22.68 4.99 -5.86
C GLN C 113 -22.23 5.91 -6.99
N GLU C 114 -22.40 7.21 -6.79
CA GLU C 114 -22.03 8.22 -7.78
C GLU C 114 -20.56 8.15 -8.15
N VAL C 115 -19.69 8.25 -7.14
CA VAL C 115 -18.25 8.22 -7.37
C VAL C 115 -17.77 6.88 -7.93
N ALA C 116 -18.35 5.79 -7.44
CA ALA C 116 -17.97 4.46 -7.88
C ALA C 116 -18.10 4.24 -9.38
N GLN C 117 -19.17 4.77 -9.98
CA GLN C 117 -19.40 4.61 -11.40
C GLN C 117 -18.17 4.99 -12.22
N LYS C 118 -17.46 6.04 -11.80
CA LYS C 118 -16.28 6.50 -12.53
C LYS C 118 -14.92 6.00 -12.03
N PHE C 119 -14.88 5.33 -10.90
CA PHE C 119 -13.60 4.83 -10.38
C PHE C 119 -13.65 3.36 -10.01
N GLN C 120 -13.80 2.51 -11.00
CA GLN C 120 -13.86 1.08 -10.79
C GLN C 120 -12.45 0.51 -10.73
N GLY C 121 -12.33 -0.71 -10.21
CA GLY C 121 -11.03 -1.35 -10.12
C GLY C 121 -10.07 -0.93 -9.00
N VAL C 122 -10.57 -0.25 -7.98
CA VAL C 122 -9.71 0.16 -6.86
C VAL C 122 -9.84 -0.84 -5.71
N ARG C 123 -8.76 -1.55 -5.44
CA ARG C 123 -8.74 -2.55 -4.38
C ARG C 123 -7.52 -2.31 -3.50
N LEU C 124 -7.37 -3.14 -2.47
CA LEU C 124 -6.22 -3.03 -1.58
C LEU C 124 -5.20 -4.08 -1.93
N LEU C 125 -3.93 -3.75 -1.75
CA LEU C 125 -2.88 -4.71 -2.02
C LEU C 125 -2.60 -5.36 -0.67
N ARG C 126 -2.17 -6.61 -0.68
CA ARG C 126 -1.81 -7.30 0.55
C ARG C 126 -0.28 -7.12 0.62
N GLN C 127 0.15 -6.17 1.43
CA GLN C 127 1.56 -5.84 1.55
C GLN C 127 2.30 -6.48 2.72
N ASP C 128 3.62 -6.44 2.62
CA ASP C 128 4.50 -6.95 3.65
C ASP C 128 4.47 -6.00 4.85
N PRO C 129 4.26 -6.54 6.06
CA PRO C 129 4.23 -5.73 7.27
C PRO C 129 5.42 -4.79 7.42
N ILE C 130 6.62 -5.33 7.22
CA ILE C 130 7.83 -4.53 7.37
C ILE C 130 7.89 -3.38 6.37
N GLU C 131 7.70 -3.69 5.09
CA GLU C 131 7.74 -2.66 4.08
C GLU C 131 6.67 -1.62 4.35
N CYS C 132 5.49 -2.09 4.73
CA CYS C 132 4.35 -1.22 5.00
C CYS C 132 4.58 -0.33 6.21
N LEU C 133 5.08 -0.93 7.29
CA LEU C 133 5.36 -0.20 8.53
C LEU C 133 6.34 0.93 8.33
N PHE C 134 7.41 0.67 7.60
CA PHE C 134 8.41 1.70 7.41
C PHE C 134 8.08 2.71 6.32
N SER C 135 7.35 2.28 5.30
CA SER C 135 6.97 3.21 4.26
C SER C 135 6.02 4.22 4.88
N PHE C 136 5.03 3.77 5.62
CA PHE C 136 4.11 4.73 6.20
C PHE C 136 4.63 5.52 7.40
N ILE C 137 5.72 5.07 8.01
CA ILE C 137 6.30 5.86 9.09
C ILE C 137 6.77 7.15 8.37
N CYS C 138 7.17 6.98 7.11
CA CYS C 138 7.63 8.09 6.28
C CYS C 138 6.46 8.91 5.72
N SER C 139 5.23 8.50 6.00
CA SER C 139 4.02 9.19 5.55
C SER C 139 3.83 10.55 6.22
N SER C 140 4.24 10.62 7.48
CA SER C 140 4.13 11.81 8.29
C SER C 140 4.37 13.12 7.54
N CYS C 141 3.41 14.05 7.63
CA CYS C 141 3.48 15.36 6.98
C CYS C 141 4.25 15.20 5.66
N ASN C 142 3.71 14.40 4.75
CA ASN C 142 4.39 14.12 3.50
C ASN C 142 3.42 13.78 2.35
N ASN C 143 3.79 14.17 1.13
CA ASN C 143 2.99 13.89 -0.06
C ASN C 143 3.52 12.63 -0.74
N ILE C 144 2.65 11.99 -1.53
CA ILE C 144 2.99 10.75 -2.22
C ILE C 144 4.24 10.77 -3.07
N ALA C 145 4.56 11.89 -3.70
CA ALA C 145 5.76 11.93 -4.51
C ALA C 145 7.00 11.95 -3.62
N ARG C 146 7.02 12.83 -2.61
CA ARG C 146 8.18 12.88 -1.72
C ARG C 146 8.37 11.54 -1.04
N ILE C 147 7.27 10.94 -0.56
CA ILE C 147 7.32 9.65 0.10
C ILE C 147 7.99 8.64 -0.81
N THR C 148 7.54 8.57 -2.06
CA THR C 148 8.10 7.65 -3.04
C THR C 148 9.62 7.82 -3.14
N GLY C 149 10.08 9.05 -3.21
CA GLY C 149 11.51 9.30 -3.31
C GLY C 149 12.28 8.76 -2.12
N MET C 150 11.80 9.08 -0.92
CA MET C 150 12.44 8.64 0.29
C MET C 150 12.54 7.11 0.31
N VAL C 151 11.41 6.45 0.13
CA VAL C 151 11.37 5.01 0.15
C VAL C 151 12.34 4.32 -0.79
N GLU C 152 12.46 4.80 -2.03
CA GLU C 152 13.38 4.13 -2.92
C GLU C 152 14.82 4.39 -2.52
N ARG C 153 15.09 5.59 -2.05
CA ARG C 153 16.44 5.91 -1.62
C ARG C 153 16.79 4.99 -0.46
N LEU C 154 15.84 4.84 0.45
CA LEU C 154 15.99 3.96 1.61
C LEU C 154 16.32 2.54 1.14
N CYS C 155 15.55 2.06 0.16
CA CYS C 155 15.77 0.72 -0.38
C CYS C 155 17.10 0.60 -1.11
N GLN C 156 17.48 1.63 -1.86
CA GLN C 156 18.74 1.58 -2.60
C GLN C 156 19.90 1.46 -1.61
N ALA C 157 19.81 2.21 -0.52
CA ALA C 157 20.86 2.22 0.50
C ALA C 157 20.96 1.01 1.44
N PHE C 158 19.85 0.38 1.78
CA PHE C 158 19.91 -0.76 2.70
C PHE C 158 19.20 -2.02 2.20
N GLY C 159 18.70 -2.01 0.97
CA GLY C 159 18.01 -3.18 0.47
C GLY C 159 18.89 -4.06 -0.39
N PRO C 160 18.58 -5.36 -0.48
CA PRO C 160 19.37 -6.31 -1.29
C PRO C 160 19.23 -5.97 -2.77
N ARG C 161 20.34 -5.96 -3.48
CA ARG C 161 20.31 -5.67 -4.91
C ARG C 161 19.61 -6.86 -5.60
N LEU C 162 18.61 -6.58 -6.44
CA LEU C 162 17.92 -7.65 -7.15
C LEU C 162 18.42 -7.72 -8.58
N ILE C 163 17.76 -7.05 -9.52
CA ILE C 163 18.22 -7.08 -10.90
C ILE C 163 18.26 -5.69 -11.46
N GLN C 164 18.94 -5.54 -12.59
CA GLN C 164 19.07 -4.26 -13.25
C GLN C 164 18.41 -4.34 -14.63
N LEU C 165 17.51 -3.41 -14.91
CA LEU C 165 16.85 -3.33 -16.21
C LEU C 165 17.12 -1.89 -16.64
N ASP C 166 17.70 -1.70 -17.83
CA ASP C 166 18.06 -0.36 -18.29
C ASP C 166 18.98 0.25 -17.21
N ASP C 167 18.67 1.43 -16.71
CA ASP C 167 19.50 2.05 -15.69
C ASP C 167 18.86 2.01 -14.30
N VAL C 168 17.98 1.04 -14.10
CA VAL C 168 17.29 0.88 -12.81
C VAL C 168 17.74 -0.38 -12.11
N THR C 169 18.32 -0.23 -10.92
CA THR C 169 18.75 -1.38 -10.15
C THR C 169 17.70 -1.60 -9.07
N TYR C 170 16.86 -2.61 -9.25
CA TYR C 170 15.82 -2.87 -8.28
C TYR C 170 16.39 -3.45 -6.99
N HIS C 171 15.82 -3.01 -5.88
CA HIS C 171 16.25 -3.48 -4.56
C HIS C 171 15.10 -4.11 -3.80
N GLY C 172 15.42 -5.10 -2.97
CA GLY C 172 14.40 -5.71 -2.16
C GLY C 172 14.26 -4.74 -1.00
N PHE C 173 13.16 -4.81 -0.25
CA PHE C 173 12.99 -3.90 0.88
C PHE C 173 13.99 -4.25 1.99
N PRO C 174 14.57 -3.24 2.65
CA PRO C 174 15.53 -3.53 3.72
C PRO C 174 14.94 -4.38 4.83
N SER C 175 15.79 -5.19 5.47
CA SER C 175 15.34 -6.04 6.57
C SER C 175 15.40 -5.24 7.87
N LEU C 176 14.75 -5.79 8.88
CA LEU C 176 14.70 -5.20 10.21
C LEU C 176 16.14 -4.95 10.72
N GLN C 177 16.96 -6.00 10.69
CA GLN C 177 18.33 -5.90 11.15
C GLN C 177 19.07 -4.77 10.46
N ALA C 178 18.92 -4.68 9.15
CA ALA C 178 19.59 -3.62 8.40
C ALA C 178 19.16 -2.22 8.85
N LEU C 179 17.86 -2.01 8.98
CA LEU C 179 17.35 -0.71 9.40
C LEU C 179 17.73 -0.37 10.84
N ALA C 180 17.98 -1.41 11.63
CA ALA C 180 18.36 -1.23 13.04
C ALA C 180 19.86 -1.12 13.21
N GLY C 181 20.58 -1.04 12.09
CA GLY C 181 22.03 -0.97 12.13
C GLY C 181 22.64 0.33 12.63
N PRO C 182 23.88 0.28 13.12
CA PRO C 182 24.52 1.49 13.60
C PRO C 182 24.59 2.57 12.55
N GLU C 183 24.27 3.80 12.96
CA GLU C 183 24.33 4.96 12.08
C GLU C 183 23.33 5.04 10.93
N VAL C 184 22.32 4.19 10.93
CA VAL C 184 21.32 4.22 9.86
C VAL C 184 20.65 5.60 9.83
N GLU C 185 20.18 6.07 10.98
CA GLU C 185 19.53 7.38 11.03
C GLU C 185 20.37 8.42 10.31
N ALA C 186 21.61 8.60 10.74
CA ALA C 186 22.47 9.58 10.10
C ALA C 186 22.44 9.39 8.58
N HIS C 187 22.48 8.15 8.13
CA HIS C 187 22.48 7.88 6.71
C HIS C 187 21.16 8.30 6.05
N LEU C 188 20.05 7.94 6.69
CA LEU C 188 18.75 8.30 6.15
C LEU C 188 18.58 9.82 6.08
N ARG C 189 19.19 10.53 7.02
CA ARG C 189 19.08 11.98 7.01
C ARG C 189 19.80 12.54 5.79
N LYS C 190 20.96 11.99 5.46
CA LYS C 190 21.69 12.44 4.28
C LYS C 190 20.88 12.08 3.04
N LEU C 191 19.89 11.20 3.21
CA LEU C 191 19.02 10.77 2.12
C LEU C 191 17.74 11.60 2.02
N GLY C 192 17.57 12.55 2.94
CA GLY C 192 16.40 13.42 2.91
C GLY C 192 15.13 13.00 3.62
N LEU C 193 15.23 12.02 4.52
CA LEU C 193 14.05 11.56 5.24
C LEU C 193 13.68 12.47 6.38
N GLY C 194 14.57 13.42 6.69
CA GLY C 194 14.30 14.35 7.77
C GLY C 194 14.11 13.62 9.09
N TYR C 195 13.25 14.17 9.95
CA TYR C 195 12.99 13.60 11.25
C TYR C 195 12.45 12.17 11.17
N ARG C 196 12.11 11.74 9.97
CA ARG C 196 11.58 10.40 9.79
C ARG C 196 12.72 9.39 9.93
N ALA C 197 13.93 9.86 9.66
CA ALA C 197 15.11 9.01 9.78
C ALA C 197 15.14 8.41 11.17
N ARG C 198 14.95 9.28 12.17
CA ARG C 198 14.96 8.85 13.57
C ARG C 198 13.92 7.80 13.87
N TYR C 199 12.71 7.99 13.38
CA TYR C 199 11.66 7.03 13.69
C TYR C 199 11.87 5.68 13.04
N VAL C 200 12.51 5.68 11.87
CA VAL C 200 12.78 4.44 11.17
C VAL C 200 13.75 3.62 12.02
N SER C 201 14.84 4.24 12.42
CA SER C 201 15.84 3.58 13.26
C SER C 201 15.21 3.11 14.58
N ALA C 202 14.53 4.04 15.26
CA ALA C 202 13.90 3.72 16.53
C ALA C 202 12.95 2.53 16.40
N SER C 203 12.03 2.58 15.46
CA SER C 203 11.10 1.45 15.30
C SER C 203 11.77 0.13 14.93
N ALA C 204 12.84 0.19 14.14
CA ALA C 204 13.55 -1.03 13.76
C ALA C 204 14.14 -1.65 15.04
N ARG C 205 14.83 -0.82 15.83
CA ARG C 205 15.44 -1.31 17.07
C ARG C 205 14.38 -1.75 18.06
N ALA C 206 13.29 -1.00 18.13
CA ALA C 206 12.21 -1.32 19.06
C ALA C 206 11.67 -2.74 18.81
N ILE C 207 11.33 -3.05 17.57
CA ILE C 207 10.80 -4.37 17.25
C ILE C 207 11.79 -5.47 17.56
N LEU C 208 13.05 -5.24 17.20
CA LEU C 208 14.11 -6.22 17.39
C LEU C 208 14.59 -6.38 18.82
N GLU C 209 14.71 -5.25 19.53
CA GLU C 209 15.22 -5.26 20.90
C GLU C 209 14.20 -5.09 22.05
N GLU C 210 12.91 -5.03 21.73
CA GLU C 210 11.87 -4.85 22.74
C GLU C 210 10.59 -5.63 22.51
N GLN C 211 10.26 -5.91 21.25
CA GLN C 211 9.01 -6.61 20.94
C GLN C 211 9.11 -8.07 20.52
N GLY C 212 10.31 -8.63 20.54
CA GLY C 212 10.43 -10.02 20.15
C GLY C 212 10.74 -10.26 18.68
N GLY C 213 10.97 -9.17 17.93
CA GLY C 213 11.31 -9.32 16.53
C GLY C 213 10.21 -9.38 15.49
N LEU C 214 10.60 -9.77 14.29
CA LEU C 214 9.70 -9.85 13.15
C LEU C 214 8.41 -10.60 13.44
N ALA C 215 8.51 -11.70 14.18
CA ALA C 215 7.36 -12.52 14.52
C ALA C 215 6.26 -11.72 15.21
N TRP C 216 6.66 -10.82 16.11
CA TRP C 216 5.71 -9.98 16.83
C TRP C 216 4.80 -9.27 15.84
N LEU C 217 5.42 -8.65 14.84
CA LEU C 217 4.71 -7.92 13.80
C LEU C 217 3.80 -8.85 13.01
N GLN C 218 4.39 -9.90 12.45
CA GLN C 218 3.66 -10.88 11.67
C GLN C 218 2.50 -11.57 12.39
N GLN C 219 2.66 -11.83 13.69
CA GLN C 219 1.61 -12.50 14.45
C GLN C 219 0.36 -11.62 14.52
N LEU C 220 0.55 -10.32 14.24
CA LEU C 220 -0.55 -9.39 14.27
C LEU C 220 -1.63 -9.69 13.24
N ARG C 221 -1.30 -10.49 12.24
CA ARG C 221 -2.29 -10.84 11.23
C ARG C 221 -3.36 -11.77 11.80
N GLU C 222 -3.05 -12.46 12.89
CA GLU C 222 -3.99 -13.37 13.53
C GLU C 222 -4.76 -12.63 14.61
N SER C 223 -4.21 -11.50 15.05
CA SER C 223 -4.83 -10.69 16.09
C SER C 223 -6.05 -9.92 15.57
N SER C 224 -6.85 -9.42 16.50
CA SER C 224 -8.03 -8.63 16.18
C SER C 224 -7.54 -7.29 15.66
N TYR C 225 -8.41 -6.58 14.95
CA TYR C 225 -8.05 -5.26 14.44
C TYR C 225 -7.61 -4.41 15.63
N GLU C 226 -8.40 -4.44 16.69
CA GLU C 226 -8.13 -3.67 17.89
C GLU C 226 -6.80 -3.98 18.53
N GLU C 227 -6.47 -5.27 18.65
CA GLU C 227 -5.20 -5.65 19.24
C GLU C 227 -4.07 -5.12 18.36
N ALA C 228 -4.14 -5.43 17.07
CA ALA C 228 -3.11 -5.00 16.13
C ALA C 228 -2.86 -3.50 16.19
N HIS C 229 -3.92 -2.71 16.06
CA HIS C 229 -3.78 -1.27 16.07
C HIS C 229 -3.16 -0.77 17.39
N LYS C 230 -3.55 -1.41 18.49
CA LYS C 230 -3.05 -1.05 19.82
C LYS C 230 -1.55 -1.35 19.91
N ALA C 231 -1.17 -2.51 19.39
CA ALA C 231 0.22 -2.95 19.39
C ALA C 231 1.10 -2.03 18.55
N LEU C 232 0.68 -1.79 17.31
CA LEU C 232 1.42 -0.93 16.40
C LEU C 232 1.73 0.46 16.92
N CYS C 233 0.82 1.04 17.71
CA CYS C 233 1.02 2.38 18.22
C CYS C 233 2.16 2.53 19.20
N ILE C 234 2.69 1.39 19.65
CA ILE C 234 3.81 1.38 20.59
C ILE C 234 5.08 1.91 19.95
N LEU C 235 5.33 1.48 18.71
CA LEU C 235 6.52 1.85 17.94
C LEU C 235 6.68 3.35 17.72
N PRO C 236 7.92 3.85 17.82
CA PRO C 236 8.26 5.26 17.63
C PRO C 236 7.91 5.78 16.25
N GLY C 237 7.11 6.84 16.21
CA GLY C 237 6.72 7.44 14.94
C GLY C 237 5.48 6.81 14.32
N VAL C 238 4.86 5.88 15.04
CA VAL C 238 3.65 5.20 14.57
C VAL C 238 2.41 5.60 15.38
N GLY C 239 1.60 6.50 14.82
CA GLY C 239 0.39 6.93 15.49
C GLY C 239 -0.85 6.25 14.93
N THR C 240 -2.02 6.79 15.27
CA THR C 240 -3.32 6.25 14.83
C THR C 240 -3.41 6.04 13.32
N GLN C 241 -3.10 7.09 12.55
CA GLN C 241 -3.17 7.02 11.10
C GLN C 241 -2.24 5.99 10.49
N VAL C 242 -0.96 6.03 10.88
CA VAL C 242 0.02 5.09 10.35
C VAL C 242 -0.36 3.65 10.68
N ALA C 243 -0.82 3.43 11.91
CA ALA C 243 -1.20 2.09 12.34
C ALA C 243 -2.41 1.58 11.57
N ASP C 244 -3.30 2.50 11.21
CA ASP C 244 -4.49 2.11 10.46
C ASP C 244 -4.11 1.70 9.05
N CYS C 245 -3.14 2.41 8.48
CA CYS C 245 -2.67 2.10 7.14
C CYS C 245 -2.08 0.70 7.14
N ILE C 246 -1.23 0.43 8.13
CA ILE C 246 -0.61 -0.88 8.25
C ILE C 246 -1.67 -1.95 8.43
N CYS C 247 -2.61 -1.73 9.34
CA CYS C 247 -3.68 -2.69 9.60
C CYS C 247 -4.43 -3.01 8.32
N LEU C 248 -4.79 -1.96 7.59
CA LEU C 248 -5.55 -2.09 6.36
C LEU C 248 -4.78 -2.68 5.21
N MET C 249 -3.58 -2.18 4.99
CA MET C 249 -2.80 -2.62 3.86
C MET C 249 -1.90 -3.83 4.04
N ALA C 250 -1.59 -4.21 5.27
CA ALA C 250 -0.70 -5.36 5.47
C ALA C 250 -1.11 -6.38 6.55
N LEU C 251 -2.00 -6.00 7.44
CA LEU C 251 -2.41 -6.88 8.52
C LEU C 251 -3.80 -7.51 8.37
N ASP C 252 -4.39 -7.40 7.19
CA ASP C 252 -5.70 -7.97 6.91
C ASP C 252 -6.83 -7.46 7.78
N LYS C 253 -6.80 -6.17 8.11
CA LYS C 253 -7.84 -5.53 8.90
C LYS C 253 -8.59 -4.66 7.89
N PRO C 254 -9.47 -5.28 7.09
CA PRO C 254 -10.25 -4.58 6.07
C PRO C 254 -11.24 -3.52 6.56
N GLN C 255 -11.47 -3.44 7.86
CA GLN C 255 -12.38 -2.45 8.39
C GLN C 255 -11.63 -1.23 8.87
N ALA C 256 -10.30 -1.34 8.90
CA ALA C 256 -9.46 -0.24 9.35
C ALA C 256 -9.57 0.97 8.43
N VAL C 257 -9.98 2.10 8.97
CA VAL C 257 -10.12 3.29 8.15
C VAL C 257 -9.11 4.39 8.49
N PRO C 258 -8.11 4.58 7.63
CA PRO C 258 -7.11 5.62 7.90
C PRO C 258 -7.79 6.99 7.79
N VAL C 259 -7.68 7.81 8.82
CA VAL C 259 -8.30 9.12 8.74
C VAL C 259 -7.24 10.22 8.65
N ASP C 260 -7.12 10.80 7.45
CA ASP C 260 -6.15 11.88 7.21
C ASP C 260 -6.95 13.12 6.78
N VAL C 261 -6.26 14.12 6.27
CA VAL C 261 -6.93 15.32 5.82
C VAL C 261 -7.88 14.98 4.68
N HIS C 262 -7.40 14.15 3.76
CA HIS C 262 -8.22 13.74 2.62
C HIS C 262 -9.61 13.26 3.04
N MET C 263 -9.65 12.32 3.97
CA MET C 263 -10.93 11.77 4.42
C MET C 263 -11.75 12.80 5.20
N TRP C 264 -11.08 13.81 5.75
CA TRP C 264 -11.79 14.86 6.48
C TRP C 264 -12.53 15.75 5.49
N HIS C 265 -11.89 16.01 4.36
CA HIS C 265 -12.44 16.84 3.30
C HIS C 265 -13.60 16.08 2.65
N ILE C 266 -13.43 14.77 2.50
CA ILE C 266 -14.45 13.94 1.91
C ILE C 266 -15.64 13.85 2.86
N ALA C 267 -15.36 13.63 4.13
CA ALA C 267 -16.42 13.53 5.13
C ALA C 267 -17.25 14.81 5.20
N GLN C 268 -16.57 15.96 5.15
CA GLN C 268 -17.24 17.24 5.25
C GLN C 268 -18.00 17.64 3.99
N ARG C 269 -17.29 17.68 2.87
CA ARG C 269 -17.87 18.06 1.60
C ARG C 269 -18.93 17.12 1.07
N ASP C 270 -18.70 15.83 1.22
CA ASP C 270 -19.63 14.84 0.70
C ASP C 270 -20.64 14.22 1.67
N TYR C 271 -20.52 14.52 2.95
CA TYR C 271 -21.46 13.96 3.91
C TYR C 271 -21.91 14.98 4.94
N SER C 272 -21.39 16.20 4.81
CA SER C 272 -21.73 17.29 5.72
C SER C 272 -21.49 16.76 7.12
N TRP C 273 -20.45 15.94 7.27
CA TRP C 273 -20.12 15.36 8.55
C TRP C 273 -19.58 16.38 9.56
N HIS C 274 -19.94 16.14 10.83
CA HIS C 274 -19.53 16.97 11.95
C HIS C 274 -19.34 16.03 13.12
N PRO C 275 -18.41 16.36 14.03
CA PRO C 275 -18.15 15.50 15.20
C PRO C 275 -19.29 15.69 16.23
N THR C 276 -19.83 14.59 16.74
CA THR C 276 -20.90 14.67 17.73
C THR C 276 -20.37 14.41 19.14
N THR C 277 -19.24 13.71 19.25
CA THR C 277 -18.64 13.44 20.54
C THR C 277 -17.70 14.58 20.85
N SER C 278 -16.46 14.44 20.40
CA SER C 278 -15.45 15.47 20.62
C SER C 278 -16.05 16.87 20.52
N GLN C 279 -15.49 17.78 21.30
CA GLN C 279 -15.96 19.16 21.32
C GLN C 279 -15.15 19.99 20.33
N ALA C 280 -14.12 19.38 19.77
CA ALA C 280 -13.25 20.04 18.79
C ALA C 280 -13.97 20.12 17.45
N LYS C 281 -13.64 21.14 16.66
CA LYS C 281 -14.28 21.32 15.36
C LYS C 281 -13.45 20.77 14.20
N GLY C 282 -12.20 20.41 14.47
CA GLY C 282 -11.35 19.88 13.42
C GLY C 282 -10.61 18.61 13.82
N PRO C 283 -9.59 18.22 13.04
CA PRO C 283 -8.79 17.01 13.31
C PRO C 283 -8.12 17.02 14.68
N SER C 284 -8.39 15.98 15.46
CA SER C 284 -7.83 15.82 16.79
C SER C 284 -7.95 14.34 17.09
N PRO C 285 -7.12 13.82 18.02
CA PRO C 285 -7.23 12.39 18.29
C PRO C 285 -8.66 11.88 18.47
N GLN C 286 -9.49 12.63 19.20
CA GLN C 286 -10.88 12.20 19.44
C GLN C 286 -11.83 12.34 18.23
N THR C 287 -11.67 13.39 17.43
CA THR C 287 -12.54 13.56 16.26
C THR C 287 -12.13 12.61 15.14
N ASN C 288 -10.83 12.32 15.06
CA ASN C 288 -10.31 11.41 14.04
C ASN C 288 -10.84 10.02 14.33
N LYS C 289 -10.82 9.64 15.60
CA LYS C 289 -11.31 8.34 16.00
C LYS C 289 -12.79 8.25 15.63
N GLU C 290 -13.51 9.32 15.94
CA GLU C 290 -14.94 9.41 15.68
C GLU C 290 -15.26 9.22 14.20
N LEU C 291 -14.51 9.88 13.32
CA LEU C 291 -14.73 9.79 11.88
C LEU C 291 -14.53 8.35 11.38
N GLY C 292 -13.47 7.71 11.86
CA GLY C 292 -13.22 6.33 11.44
C GLY C 292 -14.40 5.46 11.82
N ASN C 293 -15.03 5.77 12.95
CA ASN C 293 -16.17 5.01 13.40
C ASN C 293 -17.39 5.34 12.55
N PHE C 294 -17.43 6.56 12.05
CA PHE C 294 -18.53 7.01 11.20
C PHE C 294 -18.50 6.25 9.88
N PHE C 295 -17.33 6.17 9.27
CA PHE C 295 -17.19 5.47 8.00
C PHE C 295 -17.39 3.99 8.19
N ARG C 296 -16.86 3.46 9.28
CA ARG C 296 -16.98 2.05 9.56
C ARG C 296 -18.45 1.69 9.71
N SER C 297 -19.19 2.55 10.39
CA SER C 297 -20.60 2.33 10.60
C SER C 297 -21.37 2.47 9.29
N LEU C 298 -20.86 3.33 8.42
CA LEU C 298 -21.50 3.57 7.13
C LEU C 298 -21.25 2.49 6.06
N TRP C 299 -20.01 2.02 5.97
CA TRP C 299 -19.67 1.05 4.93
C TRP C 299 -19.57 -0.41 5.35
N GLY C 300 -19.41 -0.66 6.65
CA GLY C 300 -19.32 -2.04 7.11
C GLY C 300 -17.91 -2.56 7.38
N PRO C 301 -17.73 -3.88 7.42
CA PRO C 301 -16.47 -4.59 7.67
C PRO C 301 -15.32 -4.28 6.71
N TYR C 302 -15.63 -3.89 5.48
CA TYR C 302 -14.61 -3.57 4.49
C TYR C 302 -14.58 -2.08 4.25
N ALA C 303 -14.84 -1.30 5.30
CA ALA C 303 -14.85 0.15 5.20
C ALA C 303 -13.50 0.69 4.73
N GLY C 304 -12.42 0.02 5.14
CA GLY C 304 -11.10 0.45 4.73
C GLY C 304 -11.00 0.42 3.23
N TRP C 305 -11.63 -0.58 2.64
CA TRP C 305 -11.61 -0.72 1.20
C TRP C 305 -12.42 0.39 0.53
N ALA C 306 -13.63 0.64 1.02
CA ALA C 306 -14.46 1.69 0.45
C ALA C 306 -13.66 2.98 0.55
N GLN C 307 -12.95 3.13 1.67
CA GLN C 307 -12.12 4.30 1.94
C GLN C 307 -11.10 4.48 0.82
N ALA C 308 -10.52 3.38 0.36
CA ALA C 308 -9.52 3.45 -0.71
C ALA C 308 -10.09 3.98 -2.02
N VAL C 309 -11.32 3.62 -2.33
CA VAL C 309 -11.92 4.07 -3.58
C VAL C 309 -12.05 5.58 -3.59
N LEU C 310 -12.56 6.16 -2.51
CA LEU C 310 -12.74 7.61 -2.48
C LEU C 310 -11.41 8.35 -2.33
N PHE C 311 -10.51 7.84 -1.47
CA PHE C 311 -9.20 8.45 -1.28
C PHE C 311 -8.53 8.55 -2.66
N SER C 312 -8.56 7.45 -3.41
CA SER C 312 -7.96 7.41 -4.73
C SER C 312 -8.62 8.44 -5.63
N ALA C 313 -9.95 8.41 -5.70
CA ALA C 313 -10.68 9.36 -6.54
C ALA C 313 -10.36 10.80 -6.16
N ASP C 314 -10.23 11.04 -4.86
CA ASP C 314 -9.93 12.37 -4.34
C ASP C 314 -8.52 12.81 -4.72
N LEU C 315 -7.65 11.86 -5.05
CA LEU C 315 -6.28 12.17 -5.45
C LEU C 315 -6.25 12.66 -6.89
N ARG C 316 -6.91 11.91 -7.78
CA ARG C 316 -6.95 12.30 -9.19
C ARG C 316 -7.27 13.79 -9.23
N GLN C 317 -8.38 14.17 -8.60
CA GLN C 317 -8.80 15.56 -8.55
C GLN C 317 -7.67 16.44 -8.02
CA CA D . -0.36 16.88 6.55
CA CA E . 3.84 5.48 18.81
#